data_2YWV
#
_entry.id   2YWV
#
_cell.length_a   49.890
_cell.length_b   56.397
_cell.length_c   56.410
_cell.angle_alpha   76.39
_cell.angle_beta   64.36
_cell.angle_gamma   64.35
#
_symmetry.space_group_name_H-M   'P 1'
#
loop_
_entity.id
_entity.type
_entity.pdbx_description
1 polymer 'Phosphoribosylaminoimidazole succinocarboxamide synthetase'
2 non-polymer 'SULFATE ION'
3 non-polymer 'MAGNESIUM ION'
4 non-polymer "ADENOSINE-5'-DIPHOSPHATE"
5 water water
#
_entity_poly.entity_id   1
_entity_poly.type   'polypeptide(L)'
_entity_poly.pdbx_seq_one_letter_code
;GHMPTKQQLLYEGKAKKIYATDEPDVLWVEYKDSATAFNGEKKATIAGKGRLNNEISSLLFLKLREAGIANHFIEKLSPT
EQLVRRVTIIPLEVVVRNVVAGSLAKRIGLEEGTPLEAPLVEFYYKNDDLGDPLLLEDHIFILKLASREEVAALKQAALA
VNDVLRLHFAERNVRLIDFKLEFGRTADGAILLADEISPDTCRLWDAKTNEKLDKDVFRRDLGSLTDAYEVILQRLGGES
ACTK
;
_entity_poly.pdbx_strand_id   A,B
#
loop_
_chem_comp.id
_chem_comp.type
_chem_comp.name
_chem_comp.formula
ADP non-polymer ADENOSINE-5'-DIPHOSPHATE 'C10 H15 N5 O10 P2'
MG non-polymer 'MAGNESIUM ION' 'Mg 2'
SO4 non-polymer 'SULFATE ION' 'O4 S -2'
#
# COMPACT_ATOMS: atom_id res chain seq x y z
N MET A 3 -11.02 20.99 -17.25
CA MET A 3 -11.43 22.12 -18.09
C MET A 3 -12.02 23.24 -17.25
N PRO A 4 -12.15 23.51 -15.95
CA PRO A 4 -12.03 24.87 -15.43
C PRO A 4 -10.59 25.39 -15.41
N THR A 5 -11.00 26.58 -15.09
CA THR A 5 -9.70 27.21 -15.04
C THR A 5 -9.59 27.95 -13.72
N LYS A 6 -8.42 27.92 -13.09
CA LYS A 6 -8.24 28.59 -11.81
C LYS A 6 -8.41 30.09 -11.97
N GLN A 7 -9.24 30.67 -11.12
CA GLN A 7 -9.49 32.10 -11.15
C GLN A 7 -8.96 32.76 -9.88
N GLN A 8 -9.66 33.77 -9.38
CA GLN A 8 -9.22 34.49 -8.20
C GLN A 8 -9.32 33.71 -6.89
N LEU A 9 -8.42 34.04 -5.97
CA LEU A 9 -8.38 33.41 -4.66
C LEU A 9 -9.57 33.91 -3.86
N LEU A 10 -10.28 32.98 -3.21
CA LEU A 10 -11.45 33.33 -2.42
C LEU A 10 -11.18 33.25 -0.93
N TYR A 11 -10.36 32.27 -0.54
CA TYR A 11 -10.07 32.07 0.88
C TYR A 11 -8.80 31.24 1.08
N GLU A 12 -8.03 31.60 2.10
CA GLU A 12 -6.84 30.84 2.43
C GLU A 12 -6.88 30.44 3.89
N GLY A 13 -6.94 29.13 4.13
CA GLY A 13 -7.00 28.64 5.49
C GLY A 13 -5.64 28.23 6.00
N LYS A 14 -5.64 27.45 7.09
CA LYS A 14 -4.42 26.98 7.71
C LYS A 14 -3.69 25.94 6.85
N ALA A 15 -4.44 25.19 6.04
CA ALA A 15 -3.83 24.14 5.23
C ALA A 15 -4.04 24.21 3.72
N LYS A 16 -5.09 24.90 3.27
CA LYS A 16 -5.36 24.97 1.84
C LYS A 16 -5.79 26.36 1.36
N LYS A 17 -5.66 26.56 0.05
CA LYS A 17 -6.07 27.82 -0.58
C LYS A 17 -7.26 27.48 -1.45
N ILE A 18 -8.31 28.28 -1.32
CA ILE A 18 -9.54 28.06 -2.09
C ILE A 18 -9.69 29.12 -3.19
N TYR A 19 -9.65 28.66 -4.43
CA TYR A 19 -9.78 29.54 -5.59
C TYR A 19 -11.11 29.30 -6.29
N ALA A 20 -11.63 30.34 -6.92
CA ALA A 20 -12.86 30.23 -7.67
C ALA A 20 -12.41 29.78 -9.06
N THR A 21 -13.33 29.30 -9.88
CA THR A 21 -12.99 28.89 -11.23
C THR A 21 -13.93 29.63 -12.18
N ASP A 22 -13.91 29.25 -13.45
CA ASP A 22 -14.77 29.90 -14.44
C ASP A 22 -16.20 29.41 -14.26
N GLU A 23 -16.36 28.35 -13.48
CA GLU A 23 -17.68 27.78 -13.21
C GLU A 23 -18.09 28.19 -11.79
N PRO A 24 -19.21 28.91 -11.66
CA PRO A 24 -19.72 29.38 -10.36
C PRO A 24 -19.86 28.35 -9.25
N ASP A 25 -20.27 27.14 -9.58
CA ASP A 25 -20.37 26.19 -8.48
C ASP A 25 -19.25 25.17 -8.42
N VAL A 26 -18.10 25.55 -8.96
CA VAL A 26 -16.91 24.71 -8.87
C VAL A 26 -15.73 25.47 -8.27
N LEU A 27 -15.05 24.85 -7.30
CA LEU A 27 -13.91 25.47 -6.65
C LEU A 27 -12.60 24.73 -6.94
N TRP A 28 -11.50 25.46 -6.86
CA TRP A 28 -10.15 24.94 -7.11
C TRP A 28 -9.42 24.93 -5.77
N VAL A 29 -9.11 23.74 -5.27
CA VAL A 29 -8.44 23.60 -3.98
C VAL A 29 -6.95 23.27 -4.11
N GLU A 30 -6.12 24.08 -3.45
CA GLU A 30 -4.68 23.88 -3.47
C GLU A 30 -4.18 23.54 -2.07
N TYR A 31 -3.59 22.36 -1.92
CA TYR A 31 -3.07 21.96 -0.61
C TYR A 31 -1.67 22.53 -0.39
N LYS A 32 -1.50 23.21 0.74
CA LYS A 32 -0.21 23.82 1.08
C LYS A 32 0.70 22.86 1.83
N ASP A 33 2.00 23.18 1.85
CA ASP A 33 2.96 22.36 2.57
C ASP A 33 3.15 22.98 3.95
N SER A 34 2.04 23.18 4.63
CA SER A 34 2.05 23.78 5.95
C SER A 34 1.45 22.78 6.94
N ALA A 35 1.95 22.80 8.17
CA ALA A 35 1.44 21.93 9.21
C ALA A 35 1.17 22.81 10.43
N THR A 36 0.08 22.52 11.13
CA THR A 36 -0.26 23.28 12.33
C THR A 36 -0.78 22.29 13.37
N ALA A 37 -0.67 22.67 14.63
CA ALA A 37 -1.12 21.83 15.73
C ALA A 37 -1.37 22.68 16.96
N PHE A 38 -2.12 22.13 17.90
CA PHE A 38 -2.42 22.80 19.17
C PHE A 38 -3.03 24.18 18.95
N ASN A 39 -4.12 24.22 18.19
CA ASN A 39 -4.81 25.47 17.90
C ASN A 39 -3.88 26.50 17.28
N GLY A 40 -2.99 26.04 16.39
CA GLY A 40 -2.07 26.93 15.73
C GLY A 40 -0.84 27.34 16.51
N GLU A 41 -0.69 26.83 17.73
CA GLU A 41 0.46 27.16 18.56
C GLU A 41 1.75 26.57 17.99
N LYS A 42 1.61 25.43 17.30
CA LYS A 42 2.75 24.76 16.69
C LYS A 42 2.58 24.76 15.18
N LYS A 43 3.57 25.28 14.46
CA LYS A 43 3.50 25.35 13.01
C LYS A 43 4.85 25.09 12.36
N ALA A 44 4.82 24.69 11.09
CA ALA A 44 6.04 24.42 10.35
C ALA A 44 5.72 24.17 8.89
N THR A 45 6.73 24.28 8.04
CA THR A 45 6.55 24.02 6.62
C THR A 45 7.02 22.58 6.45
N ILE A 46 6.20 21.76 5.81
CA ILE A 46 6.55 20.36 5.57
C ILE A 46 6.52 20.12 4.08
N ALA A 47 7.71 20.06 3.47
CA ALA A 47 7.82 19.85 2.03
C ALA A 47 7.18 18.54 1.59
N GLY A 48 6.30 18.62 0.59
CA GLY A 48 5.65 17.42 0.09
C GLY A 48 4.37 17.03 0.82
N LYS A 49 4.04 17.72 1.91
CA LYS A 49 2.83 17.40 2.67
C LYS A 49 1.56 17.68 1.87
N GLY A 50 1.53 18.82 1.17
CA GLY A 50 0.36 19.18 0.39
C GLY A 50 -0.01 18.15 -0.64
N ARG A 51 1.01 17.62 -1.31
CA ARG A 51 0.81 16.60 -2.34
C ARG A 51 0.22 15.35 -1.70
N LEU A 52 0.86 14.89 -0.63
CA LEU A 52 0.40 13.68 0.05
C LEU A 52 -1.06 13.80 0.48
N ASN A 53 -1.43 14.93 1.09
CA ASN A 53 -2.83 15.09 1.52
C ASN A 53 -3.80 15.24 0.37
N ASN A 54 -3.39 15.95 -0.69
CA ASN A 54 -4.27 16.11 -1.84
C ASN A 54 -4.53 14.75 -2.48
N GLU A 55 -3.47 13.97 -2.65
CA GLU A 55 -3.58 12.66 -3.26
C GLU A 55 -4.38 11.68 -2.40
N ILE A 56 -4.13 11.69 -1.10
CA ILE A 56 -4.85 10.79 -0.21
C ILE A 56 -6.32 11.19 -0.15
N SER A 57 -6.57 12.49 -0.02
CA SER A 57 -7.94 12.98 0.02
C SER A 57 -8.67 12.56 -1.25
N SER A 58 -8.00 12.69 -2.39
CA SER A 58 -8.59 12.29 -3.67
C SER A 58 -9.01 10.83 -3.64
N LEU A 59 -8.07 9.98 -3.23
CA LEU A 59 -8.33 8.54 -3.16
C LEU A 59 -9.51 8.19 -2.25
N LEU A 60 -9.55 8.80 -1.07
CA LEU A 60 -10.62 8.51 -0.12
C LEU A 60 -11.97 9.02 -0.60
N PHE A 61 -12.01 10.19 -1.23
CA PHE A 61 -13.29 10.70 -1.73
C PHE A 61 -13.77 9.84 -2.89
N LEU A 62 -12.84 9.33 -3.69
CA LEU A 62 -13.21 8.48 -4.83
C LEU A 62 -13.74 7.15 -4.32
N LYS A 63 -13.17 6.66 -3.21
CA LYS A 63 -13.64 5.41 -2.64
C LYS A 63 -15.04 5.66 -2.08
N LEU A 64 -15.25 6.82 -1.48
CA LEU A 64 -16.57 7.13 -0.93
C LEU A 64 -17.58 7.23 -2.06
N ARG A 65 -17.19 7.85 -3.17
CA ARG A 65 -18.09 7.97 -4.31
C ARG A 65 -18.48 6.59 -4.83
N GLU A 66 -17.50 5.70 -4.94
CA GLU A 66 -17.76 4.35 -5.41
C GLU A 66 -18.68 3.61 -4.46
N ALA A 67 -18.56 3.93 -3.17
CA ALA A 67 -19.39 3.30 -2.14
C ALA A 67 -20.78 3.91 -2.05
N GLY A 68 -21.02 4.98 -2.82
CA GLY A 68 -22.34 5.61 -2.81
C GLY A 68 -22.52 6.71 -1.78
N ILE A 69 -21.42 7.26 -1.28
CA ILE A 69 -21.48 8.35 -0.30
C ILE A 69 -21.28 9.69 -0.99
N ALA A 70 -22.31 10.53 -0.97
CA ALA A 70 -22.28 11.84 -1.60
C ALA A 70 -21.17 12.74 -1.05
N ASN A 71 -20.38 13.35 -1.94
CA ASN A 71 -19.33 14.25 -1.52
C ASN A 71 -19.01 15.26 -2.61
N HIS A 72 -18.27 16.30 -2.23
CA HIS A 72 -17.94 17.39 -3.16
C HIS A 72 -16.80 17.16 -4.15
N PHE A 73 -16.07 16.07 -4.00
CA PHE A 73 -14.93 15.82 -4.88
C PHE A 73 -15.30 15.58 -6.34
N ILE A 74 -14.71 16.36 -7.25
CA ILE A 74 -14.97 16.19 -8.67
C ILE A 74 -13.83 15.43 -9.34
N GLU A 75 -12.62 15.98 -9.27
CA GLU A 75 -11.45 15.33 -9.87
C GLU A 75 -10.15 15.95 -9.40
N LYS A 76 -9.07 15.16 -9.44
CA LYS A 76 -7.75 15.65 -9.04
C LYS A 76 -7.21 16.44 -10.23
N LEU A 77 -6.55 17.57 -9.95
CA LEU A 77 -6.02 18.43 -11.00
C LEU A 77 -4.51 18.33 -11.17
N SER A 78 -3.81 18.19 -10.06
CA SER A 78 -2.35 18.10 -10.06
C SER A 78 -1.95 17.36 -8.79
N PRO A 79 -0.64 17.22 -8.54
CA PRO A 79 -0.29 16.51 -7.31
C PRO A 79 -0.76 17.22 -6.04
N THR A 80 -0.96 18.53 -6.11
CA THR A 80 -1.38 19.31 -4.95
C THR A 80 -2.77 19.96 -5.07
N GLU A 81 -3.38 19.88 -6.24
CA GLU A 81 -4.67 20.52 -6.44
C GLU A 81 -5.79 19.59 -6.86
N GLN A 82 -7.02 19.99 -6.56
CA GLN A 82 -8.19 19.21 -6.92
C GLN A 82 -9.40 20.13 -7.10
N LEU A 83 -10.35 19.66 -7.88
CA LEU A 83 -11.57 20.39 -8.18
C LEU A 83 -12.73 19.83 -7.35
N VAL A 84 -13.51 20.71 -6.74
CA VAL A 84 -14.63 20.27 -5.90
C VAL A 84 -15.89 21.11 -6.11
N ARG A 85 -17.03 20.55 -5.72
CA ARG A 85 -18.31 21.23 -5.81
C ARG A 85 -18.39 22.29 -4.71
N ARG A 86 -18.79 23.49 -5.08
CA ARG A 86 -18.90 24.58 -4.14
C ARG A 86 -20.14 24.44 -3.26
N VAL A 87 -19.95 24.57 -1.96
CA VAL A 87 -21.07 24.49 -1.01
C VAL A 87 -20.83 25.56 0.05
N THR A 88 -21.84 25.81 0.87
CA THR A 88 -21.70 26.77 1.96
C THR A 88 -21.56 25.90 3.20
N ILE A 89 -20.34 25.85 3.72
CA ILE A 89 -20.01 25.02 4.86
C ILE A 89 -20.83 25.28 6.12
N ILE A 90 -21.30 24.20 6.73
CA ILE A 90 -22.03 24.29 7.98
C ILE A 90 -20.85 24.33 8.95
N PRO A 91 -20.77 25.37 9.79
CA PRO A 91 -19.69 25.53 10.76
C PRO A 91 -19.59 24.51 11.90
N LEU A 92 -19.50 23.25 11.53
CA LEU A 92 -19.39 22.17 12.49
C LEU A 92 -18.32 21.17 12.06
N GLU A 93 -17.53 20.72 13.03
CA GLU A 93 -16.52 19.70 12.77
C GLU A 93 -17.21 18.46 13.31
N VAL A 94 -17.57 17.54 12.41
CA VAL A 94 -18.26 16.31 12.80
C VAL A 94 -17.22 15.22 12.99
N VAL A 95 -17.02 14.82 14.25
CA VAL A 95 -16.02 13.82 14.58
C VAL A 95 -16.58 12.46 14.91
N VAL A 96 -15.93 11.43 14.39
CA VAL A 96 -16.33 10.05 14.64
C VAL A 96 -15.13 9.37 15.32
N ARG A 97 -15.36 8.74 16.46
CA ARG A 97 -14.27 8.06 17.16
C ARG A 97 -14.61 6.58 17.34
N ASN A 98 -13.69 5.71 16.93
CA ASN A 98 -13.91 4.27 17.06
C ASN A 98 -13.16 3.77 18.28
N VAL A 99 -12.14 4.53 18.66
CA VAL A 99 -11.28 4.22 19.80
C VAL A 99 -10.97 5.51 20.55
N VAL A 100 -10.76 5.41 21.87
CA VAL A 100 -10.45 6.59 22.66
C VAL A 100 -9.00 7.01 22.43
N ALA A 101 -8.80 8.25 22.00
CA ALA A 101 -7.46 8.76 21.75
C ALA A 101 -7.43 10.29 21.64
N GLY A 102 -6.24 10.84 21.47
CA GLY A 102 -6.09 12.28 21.33
C GLY A 102 -6.79 13.15 22.36
N SER A 103 -7.56 14.12 21.86
CA SER A 103 -8.30 15.05 22.73
C SER A 103 -9.32 14.38 23.62
N LEU A 104 -9.96 13.32 23.15
CA LEU A 104 -10.95 12.64 23.98
C LEU A 104 -10.23 11.96 25.14
N ALA A 105 -9.09 11.32 24.86
CA ALA A 105 -8.34 10.66 25.92
C ALA A 105 -7.96 11.67 26.99
N LYS A 106 -7.62 12.89 26.57
CA LYS A 106 -7.24 13.93 27.51
C LYS A 106 -8.44 14.46 28.28
N ARG A 107 -9.59 14.59 27.61
CA ARG A 107 -10.80 15.10 28.24
C ARG A 107 -11.32 14.21 29.38
N ILE A 108 -11.28 12.89 29.19
CA ILE A 108 -11.79 11.99 30.21
C ILE A 108 -10.73 11.28 31.04
N GLY A 109 -9.46 11.61 30.79
CA GLY A 109 -8.38 11.01 31.55
C GLY A 109 -8.17 9.51 31.37
N LEU A 110 -8.43 9.01 30.18
CA LEU A 110 -8.25 7.59 29.89
C LEU A 110 -7.09 7.41 28.93
N GLU A 111 -6.43 6.26 29.00
CA GLU A 111 -5.28 5.98 28.14
C GLU A 111 -5.73 5.80 26.69
N GLU A 112 -4.91 6.26 25.75
CA GLU A 112 -5.24 6.12 24.35
C GLU A 112 -5.31 4.64 24.01
N GLY A 113 -6.29 4.26 23.21
CA GLY A 113 -6.44 2.86 22.86
C GLY A 113 -7.63 2.25 23.55
N THR A 114 -8.17 2.96 24.54
CA THR A 114 -9.34 2.47 25.27
C THR A 114 -10.48 2.25 24.26
N PRO A 115 -11.04 1.04 24.23
CA PRO A 115 -12.13 0.67 23.31
C PRO A 115 -13.48 1.31 23.61
N LEU A 116 -14.34 1.31 22.59
CA LEU A 116 -15.69 1.87 22.70
C LEU A 116 -16.67 0.79 22.24
N GLU A 117 -17.84 0.75 22.86
CA GLU A 117 -18.86 -0.23 22.51
C GLU A 117 -19.34 -0.02 21.07
N ALA A 118 -19.42 1.24 20.67
CA ALA A 118 -19.85 1.60 19.33
C ALA A 118 -19.24 2.95 18.98
N PRO A 119 -19.17 3.27 17.68
CA PRO A 119 -18.59 4.55 17.27
C PRO A 119 -19.29 5.73 17.94
N LEU A 120 -18.49 6.72 18.33
CA LEU A 120 -18.99 7.92 18.99
C LEU A 120 -18.95 9.11 18.03
N VAL A 121 -20.06 9.82 17.92
CA VAL A 121 -20.11 11.00 17.06
C VAL A 121 -20.12 12.23 17.96
N GLU A 122 -19.22 13.16 17.68
CA GLU A 122 -19.09 14.41 18.45
C GLU A 122 -19.14 15.60 17.50
N PHE A 123 -19.70 16.71 17.97
CA PHE A 123 -19.79 17.92 17.16
C PHE A 123 -18.96 19.04 17.80
N TYR A 124 -18.13 19.70 16.98
CA TYR A 124 -17.33 20.81 17.46
C TYR A 124 -17.68 22.03 16.61
N TYR A 125 -17.71 23.19 17.26
CA TYR A 125 -18.04 24.43 16.57
C TYR A 125 -16.84 24.83 15.72
N LYS A 126 -17.02 25.01 14.42
CA LYS A 126 -15.90 25.43 13.57
C LYS A 126 -15.74 26.94 13.74
N ASN A 127 -14.98 27.31 14.76
CA ASN A 127 -14.71 28.70 15.07
C ASN A 127 -13.36 28.67 15.78
N ASP A 128 -12.29 28.87 15.02
CA ASP A 128 -10.95 28.83 15.57
C ASP A 128 -10.69 29.88 16.64
N ASP A 129 -11.34 31.04 16.52
CA ASP A 129 -11.16 32.10 17.51
C ASP A 129 -11.67 31.66 18.87
N LEU A 130 -12.59 30.70 18.87
CA LEU A 130 -13.16 30.18 20.10
C LEU A 130 -12.51 28.86 20.47
N GLY A 131 -11.54 28.43 19.68
CA GLY A 131 -10.85 27.19 19.96
C GLY A 131 -11.59 25.93 19.56
N ASP A 132 -12.55 26.06 18.64
CA ASP A 132 -13.33 24.92 18.16
C ASP A 132 -13.83 24.08 19.34
N PRO A 133 -14.62 24.70 20.23
CA PRO A 133 -15.15 24.01 21.39
C PRO A 133 -16.14 22.90 21.09
N LEU A 134 -16.16 21.90 21.97
CA LEU A 134 -17.09 20.79 21.85
C LEU A 134 -18.48 21.41 22.05
N LEU A 135 -19.46 20.90 21.31
CA LEU A 135 -20.82 21.39 21.43
C LEU A 135 -21.79 20.26 21.74
N LEU A 136 -22.73 20.53 22.63
CA LEU A 136 -23.76 19.54 22.93
C LEU A 136 -24.68 19.80 21.73
N GLU A 137 -25.46 18.82 21.33
CA GLU A 137 -26.35 19.04 20.20
C GLU A 137 -27.31 20.19 20.50
N ASP A 138 -27.70 20.35 21.77
CA ASP A 138 -28.59 21.44 22.14
C ASP A 138 -27.95 22.80 21.82
N HIS A 139 -26.63 22.89 21.95
CA HIS A 139 -25.92 24.15 21.67
C HIS A 139 -26.02 24.49 20.18
N ILE A 140 -26.03 23.46 19.34
CA ILE A 140 -26.12 23.67 17.92
C ILE A 140 -27.43 24.38 17.59
N PHE A 141 -28.52 23.95 18.22
CA PHE A 141 -29.82 24.54 17.98
C PHE A 141 -29.92 25.94 18.57
N ILE A 142 -29.23 26.16 19.68
CA ILE A 142 -29.24 27.48 20.31
C ILE A 142 -28.55 28.46 19.36
N LEU A 143 -27.50 27.99 18.69
CA LEU A 143 -26.74 28.80 17.75
C LEU A 143 -27.41 28.90 16.38
N LYS A 144 -28.41 28.07 16.14
CA LYS A 144 -29.12 28.08 14.86
C LYS A 144 -28.21 27.63 13.72
N LEU A 145 -27.16 26.87 14.02
CA LEU A 145 -26.22 26.42 12.99
C LEU A 145 -26.86 25.41 12.03
N ALA A 146 -27.71 24.55 12.57
CA ALA A 146 -28.38 23.54 11.78
C ALA A 146 -29.65 23.11 12.49
N SER A 147 -30.59 22.54 11.74
CA SER A 147 -31.85 22.09 12.31
C SER A 147 -31.67 20.73 12.96
N ARG A 148 -32.66 20.30 13.73
CA ARG A 148 -32.57 19.00 14.37
C ARG A 148 -32.46 17.90 13.33
N GLU A 149 -33.22 18.02 12.24
CA GLU A 149 -33.17 17.02 11.18
C GLU A 149 -31.81 17.00 10.50
N GLU A 150 -31.20 18.17 10.32
CA GLU A 150 -29.89 18.25 9.69
C GLU A 150 -28.83 17.60 10.56
N VAL A 151 -28.88 17.85 11.87
CA VAL A 151 -27.91 17.24 12.78
C VAL A 151 -28.04 15.72 12.75
N ALA A 152 -29.26 15.22 12.75
CA ALA A 152 -29.50 13.79 12.70
C ALA A 152 -28.93 13.22 11.39
N ALA A 153 -29.16 13.93 10.30
CA ALA A 153 -28.67 13.49 8.99
C ALA A 153 -27.13 13.50 8.94
N LEU A 154 -26.51 14.49 9.58
CA LEU A 154 -25.06 14.58 9.60
C LEU A 154 -24.46 13.42 10.37
N LYS A 155 -25.12 13.04 11.47
CA LYS A 155 -24.63 11.93 12.28
C LYS A 155 -24.71 10.63 11.48
N GLN A 156 -25.83 10.44 10.78
CA GLN A 156 -26.03 9.27 9.95
C GLN A 156 -24.98 9.26 8.82
N ALA A 157 -24.77 10.41 8.21
CA ALA A 157 -23.79 10.51 7.12
C ALA A 157 -22.38 10.19 7.60
N ALA A 158 -22.00 10.73 8.75
CA ALA A 158 -20.67 10.48 9.31
C ALA A 158 -20.47 9.01 9.65
N LEU A 159 -21.51 8.37 10.18
CA LEU A 159 -21.40 6.96 10.51
C LEU A 159 -21.31 6.12 9.24
N ALA A 160 -21.90 6.61 8.15
CA ALA A 160 -21.84 5.89 6.88
C ALA A 160 -20.40 6.00 6.35
N VAL A 161 -19.81 7.17 6.52
CA VAL A 161 -18.42 7.38 6.09
C VAL A 161 -17.53 6.45 6.90
N ASN A 162 -17.79 6.35 8.20
CA ASN A 162 -16.99 5.49 9.06
C ASN A 162 -17.07 4.03 8.62
N ASP A 163 -18.27 3.56 8.32
CA ASP A 163 -18.44 2.17 7.87
C ASP A 163 -17.55 1.87 6.67
N VAL A 164 -17.60 2.74 5.68
CA VAL A 164 -16.83 2.56 4.46
C VAL A 164 -15.31 2.70 4.66
N LEU A 165 -14.88 3.78 5.30
CA LEU A 165 -13.46 4.00 5.49
C LEU A 165 -12.81 3.10 6.53
N ARG A 166 -13.54 2.77 7.60
CA ARG A 166 -12.97 1.89 8.61
C ARG A 166 -12.62 0.55 7.96
N LEU A 167 -13.53 0.04 7.14
CA LEU A 167 -13.31 -1.22 6.46
C LEU A 167 -12.19 -1.09 5.42
N HIS A 168 -12.23 -0.03 4.63
CA HIS A 168 -11.22 0.19 3.60
C HIS A 168 -9.82 0.19 4.22
N PHE A 169 -9.66 0.93 5.31
CA PHE A 169 -8.37 0.99 5.99
C PHE A 169 -7.99 -0.34 6.63
N ALA A 170 -8.97 -1.00 7.26
CA ALA A 170 -8.70 -2.27 7.92
C ALA A 170 -8.20 -3.32 6.92
N GLU A 171 -8.75 -3.31 5.71
CA GLU A 171 -8.35 -4.26 4.67
C GLU A 171 -6.91 -4.00 4.29
N ARG A 172 -6.43 -2.80 4.59
CA ARG A 172 -5.07 -2.39 4.27
C ARG A 172 -4.18 -2.28 5.50
N ASN A 173 -4.57 -2.99 6.55
CA ASN A 173 -3.82 -3.03 7.80
C ASN A 173 -3.62 -1.70 8.51
N VAL A 174 -4.63 -0.83 8.43
CA VAL A 174 -4.60 0.46 9.10
C VAL A 174 -5.86 0.59 9.95
N ARG A 175 -5.69 0.96 11.22
CA ARG A 175 -6.83 1.13 12.11
C ARG A 175 -7.28 2.58 12.05
N LEU A 176 -8.53 2.81 11.66
CA LEU A 176 -9.07 4.17 11.62
C LEU A 176 -9.55 4.44 13.04
N ILE A 177 -8.74 5.18 13.79
CA ILE A 177 -9.04 5.51 15.18
C ILE A 177 -10.14 6.55 15.35
N ASP A 178 -10.07 7.60 14.56
CA ASP A 178 -11.08 8.65 14.59
C ASP A 178 -10.84 9.55 13.40
N PHE A 179 -11.78 10.43 13.11
CA PHE A 179 -11.63 11.36 11.99
C PHE A 179 -12.61 12.51 12.11
N LYS A 180 -12.31 13.60 11.40
CA LYS A 180 -13.13 14.79 11.44
C LYS A 180 -13.63 15.17 10.06
N LEU A 181 -14.92 15.44 9.95
CA LEU A 181 -15.54 15.80 8.67
C LEU A 181 -16.20 17.16 8.70
N GLU A 182 -16.39 17.73 7.51
CA GLU A 182 -17.08 19.00 7.36
C GLU A 182 -18.09 18.80 6.22
N PHE A 183 -19.30 19.32 6.42
CA PHE A 183 -20.36 19.21 5.42
C PHE A 183 -20.80 20.62 5.01
N GLY A 184 -21.38 20.73 3.82
CA GLY A 184 -21.85 22.03 3.36
C GLY A 184 -23.19 21.91 2.67
N ARG A 185 -23.88 23.04 2.50
CA ARG A 185 -25.18 23.04 1.84
C ARG A 185 -25.09 23.57 0.41
N THR A 186 -25.91 23.01 -0.47
CA THR A 186 -25.97 23.45 -1.86
C THR A 186 -27.05 24.52 -1.91
N ALA A 187 -27.23 25.17 -3.05
CA ALA A 187 -28.23 26.22 -3.16
C ALA A 187 -29.64 25.71 -2.87
N ASP A 188 -29.92 24.45 -3.19
CA ASP A 188 -31.25 23.88 -2.95
C ASP A 188 -31.43 23.24 -1.58
N GLY A 189 -30.47 23.45 -0.69
CA GLY A 189 -30.57 22.89 0.64
C GLY A 189 -30.02 21.49 0.80
N ALA A 190 -29.57 20.89 -0.30
CA ALA A 190 -29.00 19.55 -0.24
C ALA A 190 -27.70 19.66 0.57
N ILE A 191 -27.22 18.54 1.10
CA ILE A 191 -25.99 18.54 1.89
C ILE A 191 -24.96 17.59 1.31
N LEU A 192 -23.71 18.05 1.24
CA LEU A 192 -22.62 17.22 0.71
C LEU A 192 -21.42 17.20 1.66
N LEU A 193 -20.81 16.04 1.78
CA LEU A 193 -19.61 15.92 2.59
C LEU A 193 -18.58 16.72 1.80
N ALA A 194 -17.82 17.57 2.47
CA ALA A 194 -16.88 18.53 1.92
C ALA A 194 -15.51 18.40 2.56
N ASP A 195 -14.40 19.10 2.76
CA ASP A 195 -13.11 19.62 3.18
C ASP A 195 -12.47 18.41 2.50
N GLU A 196 -11.78 17.95 3.55
CA GLU A 196 -10.70 17.01 3.37
C GLU A 196 -10.76 15.74 4.21
N ILE A 197 -10.15 14.68 3.71
CA ILE A 197 -10.04 13.41 4.43
C ILE A 197 -8.61 12.97 4.17
N SER A 198 -7.76 13.12 5.17
CA SER A 198 -6.34 12.79 5.04
C SER A 198 -5.73 12.49 6.40
N PRO A 199 -4.42 12.21 6.44
CA PRO A 199 -3.80 11.93 7.74
C PRO A 199 -3.79 13.18 8.64
N ASP A 200 -4.16 14.32 8.08
CA ASP A 200 -4.24 15.56 8.87
C ASP A 200 -5.56 15.55 9.62
N THR A 201 -6.57 14.89 9.03
CA THR A 201 -7.90 14.87 9.61
C THR A 201 -8.35 13.51 10.14
N CYS A 202 -7.47 12.51 10.04
CA CYS A 202 -7.77 11.17 10.51
C CYS A 202 -6.66 10.64 11.40
N ARG A 203 -7.02 9.94 12.47
CA ARG A 203 -6.00 9.33 13.33
C ARG A 203 -5.90 7.90 12.79
N LEU A 204 -4.69 7.52 12.38
CA LEU A 204 -4.45 6.22 11.78
C LEU A 204 -3.29 5.46 12.42
N TRP A 205 -3.57 4.26 12.91
CA TRP A 205 -2.53 3.43 13.54
C TRP A 205 -2.33 2.15 12.73
N ASP A 206 -1.06 1.78 12.52
CA ASP A 206 -0.78 0.55 11.77
C ASP A 206 -1.38 -0.59 12.59
N ALA A 207 -2.12 -1.48 11.93
CA ALA A 207 -2.75 -2.59 12.62
C ALA A 207 -1.80 -3.52 13.37
N LYS A 208 -0.58 -3.70 12.85
CA LYS A 208 0.37 -4.59 13.50
C LYS A 208 1.20 -3.92 14.61
N THR A 209 1.94 -2.88 14.24
CA THR A 209 2.83 -2.18 15.16
C THR A 209 2.19 -1.08 15.99
N ASN A 210 1.01 -0.63 15.59
CA ASN A 210 0.31 0.45 16.28
C ASN A 210 1.06 1.76 16.06
N GLU A 211 1.96 1.78 15.07
CA GLU A 211 2.72 2.98 14.76
C GLU A 211 1.72 4.05 14.31
N LYS A 212 1.94 5.28 14.75
CA LYS A 212 1.07 6.39 14.40
C LYS A 212 1.43 6.93 13.01
N LEU A 213 0.45 6.95 12.12
CA LEU A 213 0.65 7.41 10.74
C LEU A 213 -0.27 8.58 10.42
N ASP A 214 -0.25 9.59 11.29
CA ASP A 214 -1.10 10.76 11.10
C ASP A 214 -0.43 11.99 11.70
N LYS A 215 -1.18 13.07 11.79
CA LYS A 215 -0.64 14.33 12.30
C LYS A 215 -0.03 14.26 13.71
N ASP A 216 -0.33 13.21 14.47
CA ASP A 216 0.26 13.08 15.80
C ASP A 216 1.78 13.03 15.68
N VAL A 217 2.26 12.54 14.54
CA VAL A 217 3.69 12.44 14.29
C VAL A 217 4.31 13.83 14.40
N PHE A 218 3.59 14.84 13.90
CA PHE A 218 4.06 16.22 13.96
C PHE A 218 3.78 16.82 15.35
N ARG A 219 2.59 16.57 15.87
CA ARG A 219 2.22 17.09 17.18
C ARG A 219 3.20 16.66 18.27
N ARG A 220 3.57 15.39 18.25
CA ARG A 220 4.46 14.84 19.28
C ARG A 220 5.90 14.59 18.84
N ASP A 221 6.28 15.13 17.68
CA ASP A 221 7.64 14.98 17.17
C ASP A 221 8.09 13.52 17.20
N LEU A 222 7.35 12.65 16.51
CA LEU A 222 7.69 11.24 16.48
C LEU A 222 8.55 10.84 15.29
N GLY A 223 8.84 11.79 14.42
CA GLY A 223 9.67 11.51 13.26
C GLY A 223 9.22 12.25 12.02
N SER A 224 9.59 11.74 10.84
CA SER A 224 9.20 12.36 9.58
C SER A 224 7.70 12.27 9.33
N LEU A 225 7.05 13.41 9.15
CA LEU A 225 5.62 13.44 8.89
C LEU A 225 5.32 12.86 7.51
N THR A 226 6.12 13.27 6.51
CA THR A 226 5.89 12.78 5.15
C THR A 226 6.20 11.29 5.00
N ASP A 227 7.15 10.77 5.77
CA ASP A 227 7.45 9.34 5.69
C ASP A 227 6.22 8.58 6.16
N ALA A 228 5.56 9.12 7.19
CA ALA A 228 4.37 8.48 7.75
C ALA A 228 3.19 8.55 6.78
N TYR A 229 2.96 9.74 6.22
CA TYR A 229 1.86 9.92 5.28
C TYR A 229 2.08 9.10 4.01
N GLU A 230 3.34 8.96 3.59
CA GLU A 230 3.65 8.17 2.40
C GLU A 230 3.20 6.72 2.60
N VAL A 231 3.34 6.22 3.82
CA VAL A 231 2.91 4.87 4.11
C VAL A 231 1.42 4.75 3.79
N ILE A 232 0.64 5.71 4.26
CA ILE A 232 -0.80 5.69 4.02
C ILE A 232 -1.13 5.77 2.52
N LEU A 233 -0.47 6.69 1.82
CA LEU A 233 -0.70 6.82 0.38
C LEU A 233 -0.49 5.48 -0.33
N GLN A 234 0.61 4.82 -0.03
CA GLN A 234 0.90 3.54 -0.67
C GLN A 234 -0.06 2.43 -0.23
N ARG A 235 -0.45 2.41 1.03
CA ARG A 235 -1.39 1.40 1.52
C ARG A 235 -2.69 1.54 0.72
N LEU A 236 -3.00 2.77 0.33
CA LEU A 236 -4.22 3.05 -0.42
C LEU A 236 -4.10 2.81 -1.92
N GLY A 237 -2.91 2.39 -2.36
CA GLY A 237 -2.71 2.09 -3.76
C GLY A 237 -1.86 3.08 -4.55
N GLY A 238 -1.34 4.10 -3.87
CA GLY A 238 -0.51 5.08 -4.57
C GLY A 238 -1.34 6.15 -5.24
N GLU A 239 -0.67 7.17 -5.76
CA GLU A 239 -1.33 8.29 -6.43
C GLU A 239 -2.38 7.88 -7.44
N MET B 3 7.90 -25.00 15.97
CA MET B 3 8.81 -24.38 16.93
C MET B 3 10.26 -24.75 16.65
N PRO B 4 10.54 -24.59 15.36
CA PRO B 4 11.74 -25.42 15.19
C PRO B 4 12.76 -24.34 15.58
N THR B 5 14.00 -24.77 15.79
CA THR B 5 15.09 -23.89 16.17
C THR B 5 16.14 -23.94 15.07
N LYS B 6 16.83 -22.84 14.83
CA LYS B 6 17.84 -22.79 13.79
C LYS B 6 19.04 -23.68 14.14
N GLN B 7 19.44 -24.51 13.19
CA GLN B 7 20.57 -25.39 13.39
C GLN B 7 21.72 -25.02 12.47
N GLN B 8 22.43 -26.02 11.95
CA GLN B 8 23.58 -25.77 11.08
C GLN B 8 23.25 -25.21 9.71
N LEU B 9 24.18 -24.43 9.15
CA LEU B 9 24.03 -23.84 7.84
C LEU B 9 24.23 -24.94 6.80
N LEU B 10 23.28 -25.07 5.88
CA LEU B 10 23.36 -26.10 4.86
C LEU B 10 23.83 -25.55 3.52
N TYR B 11 23.41 -24.33 3.22
CA TYR B 11 23.76 -23.72 1.94
C TYR B 11 23.61 -22.21 1.99
N GLU B 12 24.53 -21.51 1.33
CA GLU B 12 24.47 -20.06 1.24
C GLU B 12 24.54 -19.69 -0.23
N GLY B 13 23.47 -19.06 -0.72
CA GLY B 13 23.43 -18.64 -2.10
C GLY B 13 23.79 -17.18 -2.23
N LYS B 14 23.49 -16.58 -3.37
CA LYS B 14 23.82 -15.17 -3.55
C LYS B 14 22.88 -14.20 -2.85
N ALA B 15 21.72 -14.70 -2.43
CA ALA B 15 20.74 -13.84 -1.77
C ALA B 15 20.27 -14.29 -0.38
N LYS B 16 20.28 -15.59 -0.13
CA LYS B 16 19.82 -16.11 1.17
C LYS B 16 20.70 -17.20 1.74
N LYS B 17 20.56 -17.43 3.05
CA LYS B 17 21.29 -18.48 3.74
C LYS B 17 20.26 -19.52 4.15
N ILE B 18 20.54 -20.78 3.87
CA ILE B 18 19.64 -21.86 4.21
C ILE B 18 20.17 -22.69 5.37
N TYR B 19 19.45 -22.67 6.47
CA TYR B 19 19.83 -23.41 7.68
C TYR B 19 18.87 -24.56 7.91
N ALA B 20 19.37 -25.61 8.57
CA ALA B 20 18.53 -26.74 8.89
C ALA B 20 17.92 -26.40 10.24
N THR B 21 16.86 -27.10 10.63
CA THR B 21 16.22 -26.86 11.92
C THR B 21 16.23 -28.18 12.66
N ASP B 22 15.55 -28.24 13.80
CA ASP B 22 15.49 -29.47 14.58
C ASP B 22 14.52 -30.44 13.92
N GLU B 23 13.82 -29.96 12.90
CA GLU B 23 12.87 -30.78 12.16
C GLU B 23 13.47 -31.04 10.78
N PRO B 24 13.68 -32.32 10.43
CA PRO B 24 14.26 -32.71 9.14
C PRO B 24 13.59 -32.15 7.88
N ASP B 25 12.28 -32.00 7.90
CA ASP B 25 11.57 -31.48 6.73
C ASP B 25 11.28 -29.99 6.76
N VAL B 26 11.95 -29.28 7.68
CA VAL B 26 11.75 -27.84 7.80
C VAL B 26 13.06 -27.09 7.68
N LEU B 27 13.07 -26.03 6.87
CA LEU B 27 14.28 -25.23 6.68
C LEU B 27 14.09 -23.82 7.22
N TRP B 28 15.20 -23.20 7.60
CA TRP B 28 15.22 -21.85 8.15
C TRP B 28 15.92 -20.95 7.12
N VAL B 29 15.16 -20.04 6.52
CA VAL B 29 15.71 -19.17 5.49
C VAL B 29 16.02 -17.76 5.98
N GLU B 30 17.24 -17.31 5.71
CA GLU B 30 17.66 -15.97 6.13
C GLU B 30 17.98 -15.14 4.89
N TYR B 31 17.26 -14.03 4.71
CA TYR B 31 17.50 -13.15 3.56
C TYR B 31 18.63 -12.18 3.87
N LYS B 32 19.62 -12.15 2.98
CA LYS B 32 20.78 -11.27 3.16
C LYS B 32 20.55 -9.88 2.56
N ASP B 33 21.36 -8.93 3.00
CA ASP B 33 21.29 -7.55 2.51
C ASP B 33 22.27 -7.38 1.37
N SER B 34 22.17 -8.25 0.38
CA SER B 34 23.07 -8.18 -0.76
C SER B 34 22.27 -8.19 -2.05
N ALA B 35 22.81 -7.51 -3.05
CA ALA B 35 22.17 -7.44 -4.36
C ALA B 35 23.18 -7.88 -5.40
N THR B 36 22.70 -8.57 -6.43
CA THR B 36 23.57 -9.02 -7.50
C THR B 36 22.81 -8.82 -8.81
N ALA B 37 23.56 -8.68 -9.90
CA ALA B 37 22.96 -8.48 -11.21
C ALA B 37 23.95 -8.89 -12.30
N PHE B 38 23.44 -9.14 -13.50
CA PHE B 38 24.27 -9.51 -14.64
C PHE B 38 25.16 -10.71 -14.33
N ASN B 39 24.53 -11.83 -14.00
CA ASN B 39 25.21 -13.07 -13.66
C ASN B 39 26.33 -12.85 -12.63
N GLY B 40 25.99 -12.15 -11.55
CA GLY B 40 26.95 -11.90 -10.49
C GLY B 40 28.06 -10.92 -10.82
N GLU B 41 27.98 -10.29 -11.97
CA GLU B 41 28.99 -9.33 -12.39
C GLU B 41 28.87 -8.01 -11.63
N LYS B 42 27.64 -7.70 -11.21
CA LYS B 42 27.38 -6.47 -10.46
C LYS B 42 26.85 -6.85 -9.09
N LYS B 43 27.51 -6.38 -8.04
CA LYS B 43 27.12 -6.70 -6.67
C LYS B 43 27.24 -5.51 -5.73
N ALA B 44 26.53 -5.59 -4.61
CA ALA B 44 26.57 -4.54 -3.61
C ALA B 44 25.81 -4.94 -2.37
N THR B 45 26.09 -4.27 -1.27
CA THR B 45 25.38 -4.53 -0.02
C THR B 45 24.28 -3.48 0.02
N ILE B 46 23.05 -3.92 0.25
CA ILE B 46 21.91 -3.00 0.32
C ILE B 46 21.24 -3.17 1.68
N ALA B 47 21.50 -2.23 2.58
CA ALA B 47 20.93 -2.30 3.92
C ALA B 47 19.40 -2.31 3.89
N GLY B 48 18.79 -3.26 4.60
CA GLY B 48 17.35 -3.34 4.65
C GLY B 48 16.70 -4.17 3.54
N LYS B 49 17.48 -4.54 2.53
CA LYS B 49 16.94 -5.31 1.41
C LYS B 49 16.44 -6.68 1.86
N GLY B 50 17.22 -7.32 2.73
CA GLY B 50 16.84 -8.64 3.22
C GLY B 50 15.47 -8.65 3.88
N ARG B 51 15.24 -7.66 4.74
CA ARG B 51 13.95 -7.55 5.42
C ARG B 51 12.82 -7.36 4.41
N LEU B 52 13.01 -6.41 3.50
CA LEU B 52 11.99 -6.14 2.50
C LEU B 52 11.62 -7.39 1.70
N ASN B 53 12.62 -8.13 1.22
CA ASN B 53 12.32 -9.33 0.44
C ASN B 53 11.70 -10.44 1.27
N ASN B 54 12.16 -10.59 2.52
CA ASN B 54 11.58 -11.62 3.37
C ASN B 54 10.12 -11.29 3.67
N GLU B 55 9.85 -10.03 3.95
CA GLU B 55 8.48 -9.63 4.26
C GLU B 55 7.55 -9.71 3.06
N ILE B 56 8.02 -9.26 1.90
CA ILE B 56 7.22 -9.33 0.68
C ILE B 56 6.99 -10.78 0.28
N SER B 57 8.04 -11.58 0.30
CA SER B 57 7.91 -12.99 -0.04
C SER B 57 6.88 -13.66 0.87
N SER B 58 6.95 -13.34 2.17
CA SER B 58 5.99 -13.89 3.14
C SER B 58 4.56 -13.53 2.75
N LEU B 59 4.33 -12.25 2.46
CA LEU B 59 3.00 -11.79 2.08
C LEU B 59 2.49 -12.48 0.82
N LEU B 60 3.34 -12.59 -0.18
CA LEU B 60 2.93 -13.20 -1.45
C LEU B 60 2.65 -14.70 -1.31
N PHE B 61 3.46 -15.40 -0.53
CA PHE B 61 3.23 -16.83 -0.33
C PHE B 61 1.94 -17.04 0.46
N LEU B 62 1.66 -16.14 1.39
CA LEU B 62 0.44 -16.26 2.19
C LEU B 62 -0.79 -16.00 1.32
N LYS B 63 -0.65 -15.08 0.36
CA LYS B 63 -1.75 -14.80 -0.55
C LYS B 63 -1.94 -16.03 -1.44
N LEU B 64 -0.84 -16.64 -1.86
CA LEU B 64 -0.95 -17.83 -2.69
C LEU B 64 -1.63 -18.95 -1.92
N ARG B 65 -1.26 -19.13 -0.66
CA ARG B 65 -1.86 -20.16 0.18
C ARG B 65 -3.36 -19.93 0.29
N GLU B 66 -3.74 -18.68 0.51
CA GLU B 66 -5.15 -18.32 0.63
C GLU B 66 -5.90 -18.61 -0.66
N ALA B 67 -5.21 -18.43 -1.78
CA ALA B 67 -5.80 -18.66 -3.09
C ALA B 67 -5.81 -20.15 -3.46
N GLY B 68 -5.23 -20.98 -2.60
CA GLY B 68 -5.21 -22.41 -2.87
C GLY B 68 -4.06 -22.92 -3.70
N ILE B 69 -2.97 -22.16 -3.76
CA ILE B 69 -1.79 -22.56 -4.52
C ILE B 69 -0.72 -23.10 -3.58
N ALA B 70 -0.43 -24.40 -3.71
CA ALA B 70 0.56 -25.07 -2.87
C ALA B 70 1.94 -24.44 -2.94
N ASN B 71 2.55 -24.25 -1.77
CA ASN B 71 3.89 -23.69 -1.69
C ASN B 71 4.58 -24.09 -0.39
N HIS B 72 5.88 -23.86 -0.32
CA HIS B 72 6.68 -24.24 0.84
C HIS B 72 6.66 -23.32 2.05
N PHE B 73 6.04 -22.15 1.93
CA PHE B 73 6.03 -21.21 3.05
C PHE B 73 5.25 -21.68 4.26
N ILE B 74 5.91 -21.68 5.42
CA ILE B 74 5.26 -22.10 6.66
C ILE B 74 4.86 -20.88 7.49
N GLU B 75 5.84 -20.06 7.86
CA GLU B 75 5.58 -18.85 8.64
C GLU B 75 6.79 -17.94 8.70
N LYS B 76 6.55 -16.64 8.93
CA LYS B 76 7.62 -15.67 9.04
C LYS B 76 8.20 -15.81 10.45
N LEU B 77 9.52 -15.72 10.57
CA LEU B 77 10.19 -15.87 11.88
C LEU B 77 10.67 -14.54 12.47
N SER B 78 11.17 -13.67 11.60
CA SER B 78 11.69 -12.37 12.01
C SER B 78 11.60 -11.46 10.79
N PRO B 79 12.07 -10.21 10.91
CA PRO B 79 11.97 -9.37 9.72
C PRO B 79 12.79 -9.86 8.52
N THR B 80 13.79 -10.70 8.78
CA THR B 80 14.65 -11.23 7.71
C THR B 80 14.61 -12.75 7.54
N GLU B 81 13.92 -13.44 8.43
CA GLU B 81 13.89 -14.90 8.35
C GLU B 81 12.48 -15.49 8.25
N GLN B 82 12.41 -16.69 7.68
CA GLN B 82 11.15 -17.39 7.52
C GLN B 82 11.38 -18.90 7.50
N LEU B 83 10.36 -19.64 7.89
CA LEU B 83 10.39 -21.10 7.96
C LEU B 83 9.69 -21.66 6.72
N VAL B 84 10.29 -22.67 6.09
CA VAL B 84 9.71 -23.28 4.90
C VAL B 84 9.85 -24.80 4.90
N ARG B 85 9.03 -25.45 4.08
CA ARG B 85 9.08 -26.90 3.96
C ARG B 85 10.25 -27.28 3.05
N ARG B 86 11.04 -28.25 3.49
CA ARG B 86 12.20 -28.69 2.74
C ARG B 86 11.81 -29.52 1.52
N VAL B 87 12.39 -29.18 0.37
CA VAL B 87 12.14 -29.92 -0.86
C VAL B 87 13.47 -30.05 -1.59
N THR B 88 13.52 -30.92 -2.60
CA THR B 88 14.72 -31.07 -3.40
C THR B 88 14.37 -30.30 -4.67
N ILE B 89 15.01 -29.15 -4.82
CA ILE B 89 14.74 -28.27 -5.95
C ILE B 89 15.00 -28.87 -7.33
N ILE B 90 14.04 -28.65 -8.22
CA ILE B 90 14.19 -29.09 -9.60
C ILE B 90 15.00 -27.91 -10.17
N PRO B 91 16.17 -28.19 -10.75
CA PRO B 91 17.04 -27.13 -11.31
C PRO B 91 16.51 -26.38 -12.53
N LEU B 92 15.35 -25.76 -12.37
CA LEU B 92 14.73 -25.00 -13.44
C LEU B 92 14.19 -23.67 -12.93
N GLU B 93 14.41 -22.61 -13.69
CA GLU B 93 13.87 -21.31 -13.33
C GLU B 93 12.66 -21.20 -14.25
N VAL B 94 11.47 -21.24 -13.66
CA VAL B 94 10.24 -21.18 -14.45
C VAL B 94 9.79 -19.73 -14.52
N VAL B 95 9.90 -19.16 -15.72
CA VAL B 95 9.55 -17.76 -15.93
C VAL B 95 8.24 -17.53 -16.65
N VAL B 96 7.46 -16.60 -16.13
CA VAL B 96 6.19 -16.24 -16.74
C VAL B 96 6.30 -14.77 -17.14
N ARG B 97 5.98 -14.44 -18.39
CA ARG B 97 6.05 -13.06 -18.86
C ARG B 97 4.69 -12.63 -19.39
N ASN B 98 4.18 -11.50 -18.89
CA ASN B 98 2.89 -10.99 -19.34
C ASN B 98 3.10 -9.88 -20.35
N VAL B 99 4.29 -9.29 -20.30
CA VAL B 99 4.69 -8.20 -21.18
C VAL B 99 6.16 -8.41 -21.56
N VAL B 100 6.56 -7.99 -22.76
CA VAL B 100 7.94 -8.16 -23.17
C VAL B 100 8.83 -7.13 -22.48
N ALA B 101 9.86 -7.61 -21.78
CA ALA B 101 10.77 -6.71 -21.08
C ALA B 101 12.04 -7.44 -20.68
N GLY B 102 12.97 -6.71 -20.08
CA GLY B 102 14.23 -7.29 -19.62
C GLY B 102 15.00 -8.11 -20.64
N SER B 103 15.40 -9.30 -20.22
CA SER B 103 16.16 -10.23 -21.05
C SER B 103 15.44 -10.65 -22.32
N LEU B 104 14.11 -10.77 -22.27
CA LEU B 104 13.37 -11.15 -23.46
C LEU B 104 13.43 -10.03 -24.49
N ALA B 105 13.23 -8.80 -24.03
CA ALA B 105 13.28 -7.65 -24.93
C ALA B 105 14.65 -7.60 -25.62
N LYS B 106 15.68 -7.95 -24.87
CA LYS B 106 17.04 -7.95 -25.39
C LYS B 106 17.23 -9.08 -26.41
N ARG B 107 16.67 -10.24 -26.12
CA ARG B 107 16.80 -11.41 -27.01
C ARG B 107 16.14 -11.24 -28.38
N ILE B 108 14.97 -10.64 -28.43
CA ILE B 108 14.27 -10.48 -29.70
C ILE B 108 14.33 -9.07 -30.29
N GLY B 109 15.07 -8.19 -29.62
CA GLY B 109 15.22 -6.83 -30.10
C GLY B 109 13.96 -5.98 -30.19
N LEU B 110 13.07 -6.14 -29.21
CA LEU B 110 11.83 -5.38 -29.16
C LEU B 110 11.87 -4.46 -27.95
N GLU B 111 11.20 -3.32 -28.05
CA GLU B 111 11.16 -2.35 -26.95
C GLU B 111 10.42 -2.92 -25.74
N GLU B 112 10.91 -2.61 -24.55
CA GLU B 112 10.25 -3.10 -23.35
C GLU B 112 8.84 -2.52 -23.32
N GLY B 113 7.87 -3.33 -22.95
CA GLY B 113 6.50 -2.87 -22.90
C GLY B 113 5.65 -3.49 -23.99
N THR B 114 6.30 -4.02 -25.03
CA THR B 114 5.53 -4.64 -26.11
C THR B 114 4.66 -5.74 -25.50
N PRO B 115 3.35 -5.69 -25.78
CA PRO B 115 2.36 -6.65 -25.28
C PRO B 115 2.42 -8.06 -25.86
N LEU B 116 1.74 -8.98 -25.17
CA LEU B 116 1.67 -10.38 -25.57
C LEU B 116 0.19 -10.78 -25.59
N GLU B 117 -0.18 -11.64 -26.52
CA GLU B 117 -1.57 -12.10 -26.61
C GLU B 117 -1.95 -12.92 -25.38
N ALA B 118 -0.99 -13.64 -24.83
CA ALA B 118 -1.21 -14.46 -23.65
C ALA B 118 0.11 -14.63 -22.91
N PRO B 119 0.04 -14.97 -21.61
CA PRO B 119 1.26 -15.16 -20.82
C PRO B 119 2.19 -16.18 -21.47
N LEU B 120 3.49 -15.91 -21.39
CA LEU B 120 4.51 -16.77 -21.96
C LEU B 120 5.28 -17.47 -20.86
N VAL B 121 5.40 -18.79 -20.95
CA VAL B 121 6.16 -19.54 -19.95
C VAL B 121 7.48 -19.98 -20.57
N GLU B 122 8.57 -19.67 -19.88
CA GLU B 122 9.93 -20.01 -20.33
C GLU B 122 10.66 -20.77 -19.25
N PHE B 123 11.53 -21.69 -19.66
CA PHE B 123 12.31 -22.49 -18.72
C PHE B 123 13.80 -22.20 -18.87
N TYR B 124 14.47 -21.93 -17.75
CA TYR B 124 15.90 -21.66 -17.75
C TYR B 124 16.58 -22.70 -16.87
N TYR B 125 17.75 -23.16 -17.28
CA TYR B 125 18.49 -24.15 -16.51
C TYR B 125 19.08 -23.44 -15.28
N LYS B 126 18.75 -23.92 -14.08
CA LYS B 126 19.32 -23.30 -12.89
C LYS B 126 20.72 -23.84 -12.72
N ASN B 127 21.66 -23.19 -13.40
CA ASN B 127 23.06 -23.57 -13.36
C ASN B 127 23.82 -22.28 -13.65
N ASP B 128 24.19 -21.57 -12.59
CA ASP B 128 24.89 -20.30 -12.72
C ASP B 128 26.23 -20.39 -13.45
N ASP B 129 26.91 -21.52 -13.32
CA ASP B 129 28.21 -21.70 -14.00
C ASP B 129 28.01 -21.68 -15.52
N LEU B 130 26.80 -21.99 -15.96
CA LEU B 130 26.49 -22.01 -17.38
C LEU B 130 25.71 -20.76 -17.79
N GLY B 131 25.51 -19.86 -16.83
CA GLY B 131 24.79 -18.63 -17.10
C GLY B 131 23.28 -18.77 -17.16
N ASP B 132 22.75 -19.83 -16.54
CA ASP B 132 21.30 -20.08 -16.53
C ASP B 132 20.74 -19.89 -17.94
N PRO B 133 21.17 -20.72 -18.88
CA PRO B 133 20.70 -20.63 -20.26
C PRO B 133 19.25 -21.01 -20.47
N LEU B 134 18.63 -20.39 -21.47
CA LEU B 134 17.26 -20.69 -21.83
C LEU B 134 17.27 -22.14 -22.31
N LEU B 135 16.23 -22.88 -21.98
CA LEU B 135 16.12 -24.28 -22.39
C LEU B 135 14.84 -24.54 -23.16
N LEU B 136 14.95 -25.27 -24.27
CA LEU B 136 13.74 -25.64 -24.99
C LEU B 136 13.22 -26.75 -24.10
N GLU B 137 11.93 -27.03 -24.14
CA GLU B 137 11.43 -28.09 -23.29
C GLU B 137 12.11 -29.42 -23.64
N ASP B 138 12.46 -29.61 -24.91
CA ASP B 138 13.13 -30.85 -25.29
C ASP B 138 14.48 -30.99 -24.58
N HIS B 139 15.17 -29.87 -24.33
CA HIS B 139 16.45 -29.92 -23.63
C HIS B 139 16.27 -30.43 -22.22
N ILE B 140 15.14 -30.08 -21.60
CA ILE B 140 14.87 -30.53 -20.25
C ILE B 140 14.84 -32.06 -20.18
N PHE B 141 14.22 -32.67 -21.19
CA PHE B 141 14.12 -34.13 -21.23
C PHE B 141 15.45 -34.78 -21.55
N ILE B 142 16.27 -34.10 -22.34
CA ILE B 142 17.58 -34.62 -22.69
C ILE B 142 18.43 -34.66 -21.42
N LEU B 143 18.29 -33.62 -20.59
CA LEU B 143 19.02 -33.52 -19.34
C LEU B 143 18.41 -34.39 -18.25
N LYS B 144 17.20 -34.87 -18.49
CA LYS B 144 16.50 -35.71 -17.52
C LYS B 144 16.20 -34.94 -16.24
N LEU B 145 16.02 -33.63 -16.34
CA LEU B 145 15.73 -32.80 -15.17
C LEU B 145 14.33 -33.04 -14.63
N ALA B 146 13.40 -33.29 -15.54
CA ALA B 146 12.01 -33.52 -15.17
C ALA B 146 11.33 -34.28 -16.30
N SER B 147 10.26 -35.00 -15.96
CA SER B 147 9.50 -35.77 -16.94
C SER B 147 8.60 -34.84 -17.73
N ARG B 148 8.05 -35.34 -18.84
CA ARG B 148 7.15 -34.53 -19.64
C ARG B 148 5.94 -34.11 -18.80
N GLU B 149 5.42 -35.02 -17.98
CA GLU B 149 4.27 -34.70 -17.16
C GLU B 149 4.62 -33.64 -16.11
N GLU B 150 5.83 -33.70 -15.57
CA GLU B 150 6.22 -32.70 -14.58
C GLU B 150 6.34 -31.31 -15.21
N VAL B 151 6.94 -31.25 -16.40
CA VAL B 151 7.08 -29.97 -17.08
C VAL B 151 5.69 -29.38 -17.36
N ALA B 152 4.77 -30.22 -17.81
CA ALA B 152 3.41 -29.77 -18.09
C ALA B 152 2.77 -29.22 -16.81
N ALA B 153 2.97 -29.94 -15.71
CA ALA B 153 2.42 -29.54 -14.41
C ALA B 153 3.03 -28.23 -13.92
N LEU B 154 4.34 -28.06 -14.16
CA LEU B 154 5.04 -26.85 -13.74
C LEU B 154 4.51 -25.63 -14.51
N LYS B 155 4.22 -25.84 -15.79
CA LYS B 155 3.68 -24.75 -16.61
C LYS B 155 2.32 -24.33 -16.09
N GLN B 156 1.47 -25.32 -15.80
CA GLN B 156 0.14 -25.07 -15.27
C GLN B 156 0.24 -24.34 -13.93
N ALA B 157 1.14 -24.81 -13.08
CA ALA B 157 1.32 -24.20 -11.76
C ALA B 157 1.76 -22.75 -11.86
N ALA B 158 2.73 -22.49 -12.74
CA ALA B 158 3.25 -21.14 -12.93
C ALA B 158 2.15 -20.21 -13.44
N LEU B 159 1.31 -20.70 -14.34
CA LEU B 159 0.23 -19.88 -14.86
C LEU B 159 -0.83 -19.61 -13.79
N ALA B 160 -1.01 -20.57 -12.88
CA ALA B 160 -1.99 -20.38 -11.80
C ALA B 160 -1.46 -19.30 -10.85
N VAL B 161 -0.16 -19.31 -10.63
CA VAL B 161 0.47 -18.31 -9.78
C VAL B 161 0.30 -16.95 -10.43
N ASN B 162 0.50 -16.89 -11.75
CA ASN B 162 0.36 -15.64 -12.48
C ASN B 162 -1.07 -15.11 -12.33
N ASP B 163 -2.06 -15.98 -12.50
CA ASP B 163 -3.45 -15.56 -12.37
C ASP B 163 -3.70 -14.85 -11.05
N VAL B 164 -3.26 -15.48 -9.95
CA VAL B 164 -3.47 -14.90 -8.63
C VAL B 164 -2.65 -13.64 -8.37
N LEU B 165 -1.35 -13.68 -8.64
CA LEU B 165 -0.50 -12.52 -8.40
C LEU B 165 -0.73 -11.35 -9.34
N ARG B 166 -0.99 -11.64 -10.61
CA ARG B 166 -1.24 -10.56 -11.57
C ARG B 166 -2.41 -9.73 -11.10
N LEU B 167 -3.47 -10.42 -10.67
CA LEU B 167 -4.66 -9.74 -10.18
C LEU B 167 -4.39 -9.03 -8.86
N HIS B 168 -3.73 -9.72 -7.93
CA HIS B 168 -3.42 -9.14 -6.63
C HIS B 168 -2.66 -7.83 -6.79
N PHE B 169 -1.65 -7.83 -7.64
CA PHE B 169 -0.86 -6.61 -7.88
C PHE B 169 -1.68 -5.55 -8.61
N ALA B 170 -2.46 -5.96 -9.60
CA ALA B 170 -3.27 -5.02 -10.37
C ALA B 170 -4.24 -4.25 -9.46
N GLU B 171 -4.84 -4.96 -8.51
CA GLU B 171 -5.79 -4.34 -7.57
C GLU B 171 -5.08 -3.29 -6.73
N ARG B 172 -3.75 -3.38 -6.69
CA ARG B 172 -2.94 -2.46 -5.92
C ARG B 172 -2.10 -1.52 -6.79
N ASN B 173 -2.55 -1.36 -8.03
CA ASN B 173 -1.90 -0.47 -8.99
C ASN B 173 -0.47 -0.81 -9.35
N VAL B 174 -0.17 -2.10 -9.44
CA VAL B 174 1.15 -2.58 -9.82
C VAL B 174 0.96 -3.58 -10.95
N ARG B 175 1.71 -3.37 -12.04
CA ARG B 175 1.63 -4.28 -13.18
C ARG B 175 2.69 -5.36 -13.00
N LEU B 176 2.26 -6.62 -12.94
CA LEU B 176 3.20 -7.73 -12.80
C LEU B 176 3.66 -8.02 -14.24
N ILE B 177 4.87 -7.56 -14.56
CA ILE B 177 5.44 -7.71 -15.90
C ILE B 177 5.93 -9.12 -16.20
N ASP B 178 6.62 -9.71 -15.24
CA ASP B 178 7.12 -11.06 -15.38
C ASP B 178 7.66 -11.50 -14.03
N PHE B 179 7.96 -12.77 -13.88
CA PHE B 179 8.50 -13.29 -12.63
C PHE B 179 9.12 -14.65 -12.85
N LYS B 180 9.99 -15.05 -11.93
CA LYS B 180 10.67 -16.35 -12.01
C LYS B 180 10.39 -17.16 -10.77
N LEU B 181 10.02 -18.43 -10.97
CA LEU B 181 9.72 -19.33 -9.87
C LEU B 181 10.63 -20.55 -9.85
N GLU B 182 10.70 -21.20 -8.68
CA GLU B 182 11.46 -22.43 -8.51
C GLU B 182 10.55 -23.40 -7.79
N PHE B 183 10.57 -24.66 -8.22
CA PHE B 183 9.74 -25.69 -7.61
C PHE B 183 10.64 -26.81 -7.10
N GLY B 184 10.14 -27.57 -6.13
CA GLY B 184 10.93 -28.68 -5.60
C GLY B 184 10.07 -29.90 -5.37
N ARG B 185 10.71 -31.06 -5.21
CA ARG B 185 9.99 -32.30 -4.98
C ARG B 185 10.08 -32.72 -3.51
N THR B 186 9.01 -33.34 -3.02
CA THR B 186 8.98 -33.85 -1.66
C THR B 186 9.43 -35.31 -1.77
N ALA B 187 9.58 -35.98 -0.63
CA ALA B 187 10.03 -37.37 -0.64
C ALA B 187 9.10 -38.28 -1.43
N ASP B 188 7.80 -37.99 -1.40
CA ASP B 188 6.82 -38.81 -2.12
C ASP B 188 6.61 -38.43 -3.57
N GLY B 189 7.42 -37.52 -4.08
CA GLY B 189 7.28 -37.12 -5.48
C GLY B 189 6.32 -35.96 -5.71
N ALA B 190 5.75 -35.42 -4.64
CA ALA B 190 4.85 -34.29 -4.78
C ALA B 190 5.71 -33.07 -5.11
N ILE B 191 5.10 -32.05 -5.69
CA ILE B 191 5.82 -30.84 -6.07
C ILE B 191 5.24 -29.61 -5.38
N LEU B 192 6.13 -28.75 -4.88
CA LEU B 192 5.71 -27.53 -4.20
C LEU B 192 6.46 -26.33 -4.75
N LEU B 193 5.75 -25.22 -4.89
CA LEU B 193 6.37 -23.98 -5.33
C LEU B 193 7.27 -23.63 -4.15
N ALA B 194 8.51 -23.25 -4.43
CA ALA B 194 9.44 -22.92 -3.36
C ALA B 194 10.17 -21.60 -3.60
N ASP B 195 11.37 -21.52 -3.04
CA ASP B 195 12.22 -20.35 -3.14
C ASP B 195 11.62 -19.06 -2.59
N GLU B 196 11.65 -18.04 -3.56
CA GLU B 196 11.26 -16.66 -3.26
C GLU B 196 10.35 -15.98 -4.29
N ILE B 197 9.57 -15.00 -3.82
CA ILE B 197 8.72 -14.21 -4.71
C ILE B 197 8.84 -12.80 -4.12
N SER B 198 9.63 -11.96 -4.79
CA SER B 198 9.87 -10.61 -4.31
C SER B 198 10.28 -9.70 -5.46
N PRO B 199 10.57 -8.43 -5.15
CA PRO B 199 10.99 -7.53 -6.25
C PRO B 199 12.33 -7.97 -6.86
N ASP B 200 12.99 -8.94 -6.24
CA ASP B 200 14.25 -9.46 -6.78
C ASP B 200 13.92 -10.44 -7.90
N THR B 201 12.78 -11.11 -7.75
CA THR B 201 12.37 -12.14 -8.69
C THR B 201 11.15 -11.80 -9.54
N CYS B 202 10.63 -10.58 -9.37
CA CYS B 202 9.47 -10.11 -10.12
C CYS B 202 9.74 -8.73 -10.73
N ARG B 203 9.31 -8.52 -11.97
CA ARG B 203 9.46 -7.22 -12.59
C ARG B 203 8.12 -6.56 -12.32
N LEU B 204 8.17 -5.39 -11.69
CA LEU B 204 6.96 -4.68 -11.28
C LEU B 204 6.98 -3.20 -11.67
N TRP B 205 5.98 -2.78 -12.43
CA TRP B 205 5.86 -1.38 -12.85
C TRP B 205 4.61 -0.76 -12.25
N ASP B 206 4.73 0.47 -11.75
CA ASP B 206 3.58 1.16 -11.19
C ASP B 206 2.59 1.35 -12.33
N ALA B 207 1.32 1.04 -12.09
CA ALA B 207 0.30 1.16 -13.13
C ALA B 207 0.12 2.57 -13.69
N LYS B 208 0.29 3.58 -12.84
CA LYS B 208 0.12 4.95 -13.29
C LYS B 208 1.33 5.54 -13.99
N THR B 209 2.47 5.53 -13.31
CA THR B 209 3.70 6.12 -13.84
C THR B 209 4.65 5.20 -14.58
N ASN B 210 4.42 3.90 -14.51
CA ASN B 210 5.29 2.91 -15.14
C ASN B 210 6.66 2.93 -14.47
N GLU B 211 6.74 3.52 -13.28
CA GLU B 211 8.00 3.55 -12.55
C GLU B 211 8.39 2.11 -12.22
N LYS B 212 9.68 1.81 -12.32
CA LYS B 212 10.17 0.47 -12.05
C LYS B 212 10.37 0.27 -10.55
N LEU B 213 9.71 -0.75 -10.01
CA LEU B 213 9.77 -1.05 -8.58
C LEU B 213 10.31 -2.45 -8.34
N ASP B 214 11.45 -2.75 -8.93
CA ASP B 214 12.06 -4.07 -8.79
C ASP B 214 13.57 -3.96 -8.95
N LYS B 215 14.23 -5.11 -9.05
CA LYS B 215 15.70 -5.14 -9.15
C LYS B 215 16.30 -4.36 -10.32
N ASP B 216 15.48 -3.96 -11.30
CA ASP B 216 16.00 -3.17 -12.43
C ASP B 216 16.53 -1.85 -11.90
N VAL B 217 16.00 -1.43 -10.76
CA VAL B 217 16.43 -0.18 -10.14
C VAL B 217 17.90 -0.29 -9.80
N PHE B 218 18.33 -1.47 -9.38
CA PHE B 218 19.73 -1.71 -9.06
C PHE B 218 20.52 -1.98 -10.33
N ARG B 219 19.95 -2.78 -11.23
CA ARG B 219 20.63 -3.11 -12.48
C ARG B 219 21.00 -1.87 -13.28
N ARG B 220 20.05 -0.93 -13.37
CA ARG B 220 20.24 0.28 -14.16
C ARG B 220 20.50 1.56 -13.37
N ASP B 221 20.76 1.42 -12.08
CA ASP B 221 21.04 2.57 -11.21
C ASP B 221 19.98 3.66 -11.37
N LEU B 222 18.72 3.31 -11.14
CA LEU B 222 17.64 4.26 -11.29
C LEU B 222 17.32 4.99 -9.99
N GLY B 223 17.99 4.61 -8.91
CA GLY B 223 17.74 5.25 -7.63
C GLY B 223 17.88 4.28 -6.46
N SER B 224 17.21 4.60 -5.35
CA SER B 224 17.26 3.76 -4.16
C SER B 224 16.48 2.47 -4.34
N LEU B 225 17.17 1.35 -4.17
CA LEU B 225 16.53 0.05 -4.31
C LEU B 225 15.51 -0.17 -3.19
N THR B 226 15.89 0.15 -1.96
CA THR B 226 14.97 -0.05 -0.84
C THR B 226 13.77 0.88 -0.88
N ASP B 227 13.95 2.10 -1.38
CA ASP B 227 12.82 3.02 -1.50
C ASP B 227 11.78 2.40 -2.44
N ALA B 228 12.27 1.78 -3.51
CA ALA B 228 11.39 1.16 -4.51
C ALA B 228 10.69 -0.06 -3.92
N TYR B 229 11.44 -0.92 -3.24
CA TYR B 229 10.88 -2.12 -2.64
C TYR B 229 9.89 -1.79 -1.53
N GLU B 230 10.15 -0.70 -0.81
CA GLU B 230 9.25 -0.26 0.27
C GLU B 230 7.87 0.04 -0.31
N VAL B 231 7.84 0.63 -1.50
CA VAL B 231 6.57 0.94 -2.15
C VAL B 231 5.78 -0.35 -2.31
N ILE B 232 6.44 -1.40 -2.79
CA ILE B 232 5.75 -2.67 -2.99
C ILE B 232 5.25 -3.25 -1.67
N LEU B 233 6.09 -3.23 -0.64
CA LEU B 233 5.70 -3.76 0.66
C LEU B 233 4.42 -3.07 1.15
N GLN B 234 4.38 -1.74 1.08
CA GLN B 234 3.20 -1.02 1.55
C GLN B 234 1.98 -1.23 0.65
N ARG B 235 2.19 -1.35 -0.66
CA ARG B 235 1.07 -1.60 -1.58
C ARG B 235 0.42 -2.92 -1.18
N LEU B 236 1.22 -3.85 -0.69
CA LEU B 236 0.74 -5.17 -0.29
C LEU B 236 0.16 -5.20 1.13
N GLY B 237 0.15 -4.05 1.80
CA GLY B 237 -0.41 -3.99 3.14
C GLY B 237 0.57 -3.88 4.29
N GLY B 238 1.85 -3.77 3.97
CA GLY B 238 2.85 -3.64 5.02
C GLY B 238 3.19 -4.99 5.64
N GLU B 239 4.27 -5.03 6.42
CA GLU B 239 4.73 -6.25 7.07
C GLU B 239 3.66 -6.88 7.97
S SO4 C . -8.17 15.10 18.33
O1 SO4 C . -7.38 14.70 17.09
O2 SO4 C . -8.17 13.84 19.18
O3 SO4 C . -7.48 16.13 19.01
O4 SO4 C . -9.51 15.41 17.97
S SO4 D . -4.76 20.31 16.60
O1 SO4 D . -4.28 20.85 15.25
O2 SO4 D . -5.40 21.53 17.26
O3 SO4 D . -5.76 19.32 16.37
O4 SO4 D . -3.65 19.88 17.36
S SO4 E . -10.19 -1.08 15.68
O1 SO4 E . -11.03 -1.09 17.07
O2 SO4 E . -9.56 0.23 15.64
O3 SO4 E . -9.37 -2.08 15.59
O4 SO4 E . -11.25 -1.09 14.70
MG MG F . -9.53 22.81 7.80
PB ADP G . -9.57 26.41 7.74
O1B ADP G . -8.14 26.74 7.63
O2B ADP G . -10.15 24.95 7.80
O3B ADP G . -10.63 27.55 7.37
PA ADP G . -8.50 24.93 5.65
O1A ADP G . -9.10 23.60 5.53
O2A ADP G . -7.09 25.29 5.00
O3A ADP G . -9.48 26.20 6.09
O5' ADP G . -9.02 25.24 4.10
C5' ADP G . -10.33 24.68 3.77
C4' ADP G . -11.44 25.74 3.88
O4' ADP G . -12.38 25.65 2.77
C3' ADP G . -12.28 25.54 5.17
O3' ADP G . -12.68 26.81 5.72
C2' ADP G . -13.45 24.70 4.68
O2' ADP G . -14.58 24.83 5.57
C1' ADP G . -13.69 25.27 3.28
N9 ADP G . -14.29 24.29 2.38
C8 ADP G . -14.00 22.95 2.26
N7 ADP G . -14.71 22.41 1.30
C5 ADP G . -15.46 23.38 0.71
C6 ADP G . -16.35 23.44 -0.39
N6 ADP G . -16.59 22.32 -1.17
N1 ADP G . -16.96 24.61 -0.67
C2 ADP G . -16.71 25.72 0.03
N3 ADP G . -15.92 25.69 1.10
C4 ADP G . -15.24 24.58 1.44
S SO4 H . 15.06 -10.93 -16.91
O1 SO4 H . 14.18 -10.36 -18.00
O2 SO4 H . 16.47 -10.50 -17.28
O3 SO4 H . 14.71 -10.35 -15.66
O4 SO4 H . 14.98 -12.36 -16.94
S SO4 I . 20.40 -10.86 -13.26
O1 SO4 I . 20.74 -9.49 -13.85
O2 SO4 I . 21.46 -11.78 -13.87
O3 SO4 I . 20.57 -10.84 -11.85
O4 SO4 I . 19.11 -11.26 -13.70
S SO4 J . -0.51 -5.59 -17.94
O1 SO4 J . -0.11 -4.28 -17.07
O2 SO4 J . 0.37 -5.54 -19.10
O3 SO4 J . -0.43 -6.67 -17.25
O4 SO4 J . -1.84 -5.26 -18.39
S SO4 K . 21.11 -18.32 -26.59
O1 SO4 K . 20.22 -19.18 -25.53
O2 SO4 K . 21.66 -19.31 -27.50
O3 SO4 K . 20.41 -17.38 -27.16
O4 SO4 K . 22.18 -17.83 -25.76
MG MG L . 18.05 -17.64 -6.02
PB ADP M . 21.11 -19.39 -5.36
O1B ADP M . 21.42 -20.78 -5.10
O2B ADP M . 21.92 -18.14 -4.76
O3B ADP M . 19.65 -19.11 -5.90
PA ADP M . 19.66 -18.14 -3.32
O1A ADP M . 18.23 -18.04 -3.58
O2A ADP M . 20.40 -17.21 -2.25
O3A ADP M . 20.47 -19.50 -3.82
O5' ADP M . 19.29 -19.02 -1.95
C5' ADP M . 18.17 -19.95 -2.11
C4' ADP M . 18.64 -21.38 -2.37
O4' ADP M . 17.84 -22.33 -1.61
C3' ADP M . 18.48 -21.76 -3.86
O3' ADP M . 19.55 -22.62 -4.30
C2' ADP M . 17.12 -22.45 -3.90
O2' ADP M . 16.99 -23.29 -5.04
C1' ADP M . 17.11 -23.18 -2.56
N9 ADP M . 15.74 -23.40 -2.05
C8 ADP M . 14.67 -22.54 -2.11
N7 ADP M . 13.65 -23.05 -1.48
C5 ADP M . 13.99 -24.28 -1.00
C6 ADP M . 13.34 -25.28 -0.23
N6 ADP M . 12.07 -25.09 0.25
N1 ADP M . 14.02 -26.43 0.03
C2 ADP M . 15.28 -26.60 -0.35
N3 ADP M . 15.92 -25.70 -1.11
C4 ADP M . 15.33 -24.53 -1.41
#